data_7X2Z
#
_entry.id   7X2Z
#
loop_
_entity.id
_entity.type
_entity.pdbx_description
1 polymer 'G-quadruplex DNA MYT1L'
2 non-polymer 4-(2-azanylethoxy)-N2,N6-bis[4-(2-pyrrolidin-1-ylethoxy)quinolin-2-yl]pyridine-2,6-dicarboxamide
#
_entity_poly.entity_id   1
_entity_poly.type   'polydeoxyribonucleotide'
_entity_poly.pdbx_seq_one_letter_code
;(DA)(DG)(DG)(DG)(DA)(DG)(DA)(DG)(DG)(DA)(DG)(DA)(DG)(DC)(DT)(DC)(DT)(DG)(DG)(DG)
(DT)(DT)(DG)(DG)(DG)(DT)(DG)(DG)(DG)
;
_entity_poly.pdbx_strand_id   A
#